data_1VGE
#
_entry.id   1VGE
#
_cell.length_a   50.926
_cell.length_b   62.776
_cell.length_c   84.790
_cell.angle_alpha   90.00
_cell.angle_beta   107.19
_cell.angle_gamma   90.00
#
_symmetry.space_group_name_H-M   'P 1 21 1'
#
loop_
_entity.id
_entity.type
_entity.pdbx_description
1 polymer 'TR1.9 FAB'
2 polymer 'TR1.9 FAB'
3 water water
#
loop_
_entity_poly.entity_id
_entity_poly.type
_entity_poly.pdbx_seq_one_letter_code
_entity_poly.pdbx_strand_id
1 'polypeptide(L)'
;ELVMTQSPSSLSASVGDRVNIACRASQGISSALAWYQQKPGKAPRLLIYDASNLESGVPSRFSGSGSGTDFTLTISSLQP
EDFAIYYCQQFNSYPLTFGGGTKVEIKRTVAAPSVFIFPPSDEQLKSGTASVVCLLNNFYPREAKVQWKVDNALQSGNSQ
ESVTEQDSKDSTYSLSSTLTLSKADYEKHKVYACEVTHQGLSSPVTKSFNRGEC
;
L
2 'polypeptide(L)'
;QVKLLEQSGAEVKKPGASVKVSCKASGYSFTSYGLHWVRQAPGQRLEWMGWISAGTGNTKYSQKFRGRVTFTRDTSATTA
YMGLSSLRPEDTAVYYCARDPYGGGKSEFDYWGQGTLVTVSSASTKGPSVFPLAPSSKSTSGGTAALGCLVKDYFPEPVT
VSWNSGALTSGVHTFPAVLQSSGLYSLSSVVTVPSSSLGTQTYICNVNHKPSNTKVDKKVEPKSC
;
H
#
# COMPACT_ATOMS: atom_id res chain seq x y z
N GLU A 1 -29.76 -3.59 4.36
CA GLU A 1 -28.59 -3.87 5.16
C GLU A 1 -28.57 -3.11 6.49
N LEU A 2 -27.76 -3.59 7.42
CA LEU A 2 -27.59 -2.98 8.70
C LEU A 2 -26.41 -2.06 8.47
N VAL A 3 -26.58 -0.78 8.75
CA VAL A 3 -25.47 0.14 8.59
C VAL A 3 -24.63 0.24 9.87
N MET A 4 -23.30 0.19 9.66
CA MET A 4 -22.27 0.32 10.68
C MET A 4 -21.58 1.66 10.45
N THR A 5 -21.60 2.53 11.45
CA THR A 5 -21.05 3.86 11.35
C THR A 5 -19.95 4.01 12.42
N GLN A 6 -18.73 4.38 12.03
CA GLN A 6 -17.66 4.56 12.97
C GLN A 6 -17.46 6.02 13.28
N SER A 7 -16.94 6.28 14.48
CA SER A 7 -16.68 7.64 14.87
C SER A 7 -15.44 7.70 15.72
N PRO A 8 -14.45 8.57 15.47
CA PRO A 8 -14.29 9.38 14.26
C PRO A 8 -13.73 8.69 13.03
N SER A 9 -13.52 9.47 12.00
CA SER A 9 -12.88 9.01 10.78
C SER A 9 -11.37 8.95 10.91
N SER A 10 -10.79 9.87 11.70
CA SER A 10 -9.37 10.11 11.89
C SER A 10 -9.17 10.56 13.31
N LEU A 11 -7.99 10.26 13.83
CA LEU A 11 -7.51 10.66 15.15
C LEU A 11 -6.01 10.76 14.97
N SER A 12 -5.36 11.60 15.76
CA SER A 12 -3.90 11.65 15.90
C SER A 12 -3.75 11.65 17.41
N ALA A 13 -2.81 10.92 17.99
CA ALA A 13 -2.68 10.89 19.41
C ALA A 13 -1.23 10.59 19.64
N SER A 14 -0.68 10.87 20.82
CA SER A 14 0.71 10.59 21.13
C SER A 14 0.89 9.17 21.64
N VAL A 15 2.12 8.63 21.74
CA VAL A 15 2.16 7.28 22.24
C VAL A 15 1.97 7.40 23.75
N GLY A 16 1.27 6.41 24.32
CA GLY A 16 0.94 6.41 25.72
C GLY A 16 -0.49 6.88 25.98
N ASP A 17 -1.10 7.48 24.96
CA ASP A 17 -2.44 8.01 25.07
C ASP A 17 -3.40 6.86 24.99
N ARG A 18 -4.57 7.03 25.58
CA ARG A 18 -5.63 6.05 25.47
C ARG A 18 -6.55 6.55 24.35
N VAL A 19 -6.85 5.71 23.33
CA VAL A 19 -7.82 6.10 22.34
C VAL A 19 -9.02 5.14 22.32
N ASN A 20 -10.19 5.68 22.03
CA ASN A 20 -11.48 5.01 21.99
C ASN A 20 -12.14 5.29 20.64
N ILE A 21 -12.53 4.29 19.84
CA ILE A 21 -13.19 4.42 18.54
C ILE A 21 -14.58 3.85 18.77
N ALA A 22 -15.64 4.49 18.31
CA ALA A 22 -16.99 4.04 18.45
C ALA A 22 -17.50 3.47 17.15
N CYS A 23 -18.45 2.56 17.20
CA CYS A 23 -19.12 1.99 16.05
C CYS A 23 -20.60 1.85 16.38
N ARG A 24 -21.53 2.35 15.58
CA ARG A 24 -22.95 2.17 15.87
C ARG A 24 -23.52 1.25 14.83
N ALA A 25 -24.40 0.38 15.30
CA ALA A 25 -25.20 -0.47 14.46
C ALA A 25 -26.52 0.30 14.27
N SER A 26 -27.08 0.41 13.05
CA SER A 26 -28.37 1.06 12.85
C SER A 26 -29.50 0.30 13.55
N GLN A 27 -29.28 -0.91 14.07
CA GLN A 27 -30.22 -1.60 14.93
C GLN A 27 -29.48 -2.71 15.66
N GLY A 28 -30.07 -3.27 16.72
CA GLY A 28 -29.44 -4.22 17.59
C GLY A 28 -28.80 -5.43 16.93
N ILE A 29 -27.55 -5.73 17.32
CA ILE A 29 -26.82 -6.88 16.81
C ILE A 29 -26.30 -7.78 17.92
N SER A 30 -26.78 -7.59 19.15
CA SER A 30 -26.34 -8.31 20.33
C SER A 30 -24.84 -8.12 20.47
N SER A 31 -24.01 -9.17 20.34
CA SER A 31 -22.59 -9.09 20.50
C SER A 31 -21.92 -9.42 19.20
N ALA A 32 -22.61 -9.47 18.07
CA ALA A 32 -21.97 -9.95 16.85
C ALA A 32 -21.28 -8.90 16.03
N LEU A 33 -20.20 -8.47 16.68
CA LEU A 33 -19.29 -7.44 16.22
C LEU A 33 -17.84 -7.93 16.27
N ALA A 34 -17.08 -7.76 15.21
CA ALA A 34 -15.66 -8.06 15.20
C ALA A 34 -14.96 -6.73 14.89
N TRP A 35 -13.67 -6.53 15.24
CA TRP A 35 -12.86 -5.34 14.96
C TRP A 35 -11.62 -5.77 14.19
N TYR A 36 -11.21 -5.11 13.10
CA TYR A 36 -10.01 -5.46 12.35
C TYR A 36 -9.04 -4.31 12.36
N GLN A 37 -7.79 -4.62 12.18
CA GLN A 37 -6.73 -3.67 12.04
C GLN A 37 -6.16 -3.77 10.64
N GLN A 38 -6.02 -2.75 9.80
CA GLN A 38 -5.44 -2.94 8.51
C GLN A 38 -4.31 -1.96 8.35
N LYS A 39 -3.08 -2.43 8.28
CA LYS A 39 -1.96 -1.55 8.02
C LYS A 39 -2.10 -1.25 6.55
N PRO A 40 -1.88 0.01 6.18
CA PRO A 40 -1.89 0.36 4.77
C PRO A 40 -1.09 -0.60 3.88
N GLY A 41 -1.88 -1.15 2.95
CA GLY A 41 -1.43 -2.08 1.90
C GLY A 41 -1.37 -3.55 2.34
N LYS A 42 -2.22 -3.95 3.26
CA LYS A 42 -2.12 -5.28 3.73
C LYS A 42 -3.50 -5.76 3.96
N ALA A 43 -3.53 -7.07 4.16
CA ALA A 43 -4.77 -7.72 4.42
C ALA A 43 -5.17 -7.35 5.84
N PRO A 44 -6.47 -7.06 6.07
CA PRO A 44 -6.99 -6.83 7.41
C PRO A 44 -6.63 -7.92 8.46
N ARG A 45 -6.51 -7.61 9.74
CA ARG A 45 -6.26 -8.61 10.77
C ARG A 45 -7.25 -8.52 11.94
N LEU A 46 -7.77 -9.67 12.34
CA LEU A 46 -8.69 -9.78 13.43
C LEU A 46 -8.06 -9.48 14.80
N LEU A 47 -8.68 -8.53 15.53
CA LEU A 47 -8.27 -8.18 16.87
C LEU A 47 -9.23 -8.72 17.91
N ILE A 48 -10.52 -8.48 17.68
CA ILE A 48 -11.59 -8.75 18.62
C ILE A 48 -12.78 -9.40 17.93
N TYR A 49 -13.45 -10.41 18.48
CA TYR A 49 -14.64 -11.00 17.91
C TYR A 49 -15.66 -11.13 19.05
N ASP A 50 -16.97 -11.20 18.77
CA ASP A 50 -18.01 -11.22 19.80
C ASP A 50 -17.94 -10.02 20.75
N ALA A 51 -17.68 -8.83 20.18
CA ALA A 51 -17.58 -7.52 20.84
C ALA A 51 -16.43 -7.32 21.83
N SER A 52 -16.07 -8.37 22.54
CA SER A 52 -15.05 -8.28 23.56
C SER A 52 -13.99 -9.39 23.62
N ASN A 53 -13.95 -10.42 22.76
CA ASN A 53 -12.99 -11.49 22.96
C ASN A 53 -11.72 -11.18 22.20
N LEU A 54 -10.51 -11.13 22.75
CA LEU A 54 -9.32 -10.85 21.95
C LEU A 54 -8.95 -12.11 21.23
N GLU A 55 -8.53 -11.97 20.00
CA GLU A 55 -8.06 -13.11 19.24
C GLU A 55 -6.67 -13.49 19.77
N SER A 56 -6.26 -14.76 19.76
CA SER A 56 -5.00 -15.22 20.30
C SER A 56 -3.80 -14.47 19.75
N GLY A 57 -2.79 -14.07 20.50
CA GLY A 57 -1.67 -13.32 19.94
C GLY A 57 -1.85 -11.78 19.83
N VAL A 58 -3.06 -11.20 20.00
CA VAL A 58 -3.26 -9.76 19.94
C VAL A 58 -2.72 -9.19 21.26
N PRO A 59 -2.05 -8.05 21.31
CA PRO A 59 -1.62 -7.45 22.54
C PRO A 59 -2.76 -7.17 23.49
N SER A 60 -2.47 -7.35 24.76
CA SER A 60 -3.41 -7.05 25.84
C SER A 60 -3.77 -5.58 25.93
N ARG A 61 -3.22 -4.62 25.16
CA ARG A 61 -3.66 -3.22 25.27
C ARG A 61 -4.89 -2.87 24.40
N PHE A 62 -5.33 -3.86 23.58
CA PHE A 62 -6.57 -3.77 22.84
C PHE A 62 -7.71 -4.32 23.70
N SER A 63 -8.87 -3.66 23.79
CA SER A 63 -10.03 -4.21 24.44
C SER A 63 -11.28 -3.68 23.70
N GLY A 64 -12.43 -4.36 23.79
CA GLY A 64 -13.61 -3.92 23.12
C GLY A 64 -14.77 -4.00 24.09
N SER A 65 -15.82 -3.23 23.90
CA SER A 65 -17.01 -3.31 24.72
C SER A 65 -18.28 -2.91 23.95
N GLY A 66 -19.47 -3.10 24.52
CA GLY A 66 -20.69 -2.80 23.85
C GLY A 66 -21.52 -4.05 23.68
N SER A 67 -22.80 -3.78 23.44
CA SER A 67 -23.82 -4.77 23.23
C SER A 67 -24.96 -3.98 22.63
N GLY A 68 -25.78 -4.63 21.84
CA GLY A 68 -26.93 -4.00 21.24
C GLY A 68 -26.56 -3.19 20.03
N THR A 69 -26.30 -1.92 20.23
CA THR A 69 -26.12 -1.01 19.14
C THR A 69 -24.82 -0.18 19.20
N ASP A 70 -24.18 -0.02 20.36
CA ASP A 70 -23.01 0.83 20.52
C ASP A 70 -21.85 0.00 21.00
N PHE A 71 -20.73 0.05 20.28
CA PHE A 71 -19.53 -0.70 20.59
C PHE A 71 -18.32 0.23 20.67
N THR A 72 -17.31 -0.03 21.52
CA THR A 72 -16.09 0.75 21.64
C THR A 72 -14.87 -0.14 21.55
N LEU A 73 -13.86 0.26 20.78
CA LEU A 73 -12.57 -0.41 20.82
C LEU A 73 -11.61 0.55 21.58
N THR A 74 -10.90 0.12 22.63
CA THR A 74 -9.98 1.02 23.33
C THR A 74 -8.52 0.56 23.16
N ILE A 75 -7.58 1.41 22.79
CA ILE A 75 -6.19 1.01 22.77
C ILE A 75 -5.70 1.71 24.02
N SER A 76 -5.31 1.00 25.08
CA SER A 76 -4.98 1.72 26.28
C SER A 76 -3.64 2.45 26.28
N SER A 77 -2.60 2.08 25.55
CA SER A 77 -1.39 2.90 25.57
C SER A 77 -0.93 2.76 24.15
N LEU A 78 -1.27 3.76 23.33
CA LEU A 78 -0.98 3.80 21.91
C LEU A 78 0.50 3.62 21.69
N GLN A 79 0.89 2.80 20.74
CA GLN A 79 2.27 2.53 20.43
C GLN A 79 2.52 2.87 18.93
N PRO A 80 3.72 3.18 18.33
CA PRO A 80 3.92 3.55 16.91
C PRO A 80 3.44 2.51 15.94
N GLU A 81 3.61 1.24 16.32
CA GLU A 81 3.10 0.18 15.47
C GLU A 81 1.57 0.11 15.43
N ASP A 82 0.83 0.93 16.16
CA ASP A 82 -0.59 0.91 16.06
C ASP A 82 -1.12 1.77 14.95
N PHE A 83 -0.30 2.47 14.16
CA PHE A 83 -0.79 3.22 13.00
C PHE A 83 -1.54 2.26 12.08
N ALA A 84 -2.77 2.54 11.69
CA ALA A 84 -3.54 1.63 10.90
C ALA A 84 -4.89 2.24 10.64
N ILE A 85 -5.75 1.59 9.84
CA ILE A 85 -7.16 1.93 9.72
C ILE A 85 -7.83 0.81 10.50
N TYR A 86 -8.85 1.09 11.32
CA TYR A 86 -9.52 0.12 12.15
C TYR A 86 -10.97 0.00 11.67
N TYR A 87 -11.56 -1.20 11.44
CA TYR A 87 -12.93 -1.44 10.95
C TYR A 87 -13.71 -2.29 11.91
N CYS A 88 -14.99 -2.03 12.02
CA CYS A 88 -15.89 -2.92 12.74
C CYS A 88 -16.75 -3.60 11.68
N GLN A 89 -17.11 -4.85 11.88
CA GLN A 89 -18.03 -5.54 11.00
C GLN A 89 -19.16 -6.17 11.83
N GLN A 90 -20.43 -6.21 11.39
CA GLN A 90 -21.46 -7.02 12.07
C GLN A 90 -21.65 -8.37 11.40
N PHE A 91 -22.06 -9.41 12.15
CA PHE A 91 -22.37 -10.69 11.52
C PHE A 91 -23.64 -11.28 12.12
N ASN A 92 -24.53 -10.36 12.46
CA ASN A 92 -25.84 -10.73 12.96
C ASN A 92 -26.75 -10.96 11.77
N SER A 93 -26.60 -10.23 10.68
CA SER A 93 -27.52 -10.32 9.57
C SER A 93 -26.70 -10.37 8.31
N TYR A 94 -27.29 -10.94 7.27
CA TYR A 94 -26.76 -10.89 5.90
C TYR A 94 -27.36 -9.70 5.10
N PRO A 95 -26.75 -8.84 4.27
CA PRO A 95 -25.33 -8.86 4.00
C PRO A 95 -24.55 -8.41 5.22
N LEU A 96 -23.42 -9.10 5.39
CA LEU A 96 -22.48 -8.80 6.45
C LEU A 96 -21.97 -7.43 6.04
N THR A 97 -21.76 -6.52 6.97
CA THR A 97 -21.40 -5.14 6.65
C THR A 97 -20.30 -4.54 7.51
N PHE A 98 -19.45 -3.75 6.90
CA PHE A 98 -18.35 -3.09 7.59
C PHE A 98 -18.66 -1.62 7.83
N GLY A 99 -17.97 -1.10 8.81
CA GLY A 99 -18.04 0.31 9.06
C GLY A 99 -17.03 0.98 8.13
N GLY A 100 -17.10 2.31 8.05
CA GLY A 100 -16.23 3.10 7.21
C GLY A 100 -14.76 3.22 7.58
N GLY A 101 -14.25 2.95 8.77
CA GLY A 101 -12.85 3.10 9.09
C GLY A 101 -12.54 4.26 10.03
N THR A 102 -11.57 4.05 10.90
CA THR A 102 -11.02 5.13 11.69
C THR A 102 -9.51 4.98 11.47
N LYS A 103 -8.92 5.96 10.79
CA LYS A 103 -7.46 6.02 10.62
C LYS A 103 -6.82 6.56 11.89
N VAL A 104 -5.82 5.91 12.45
CA VAL A 104 -5.17 6.42 13.63
C VAL A 104 -3.73 6.80 13.24
N GLU A 105 -3.33 8.06 13.31
CA GLU A 105 -1.99 8.48 12.96
C GLU A 105 -1.30 8.83 14.30
N ILE A 106 -0.01 8.56 14.46
CA ILE A 106 0.76 8.88 15.66
C ILE A 106 1.38 10.32 15.71
N LYS A 107 1.21 11.06 16.79
CA LYS A 107 1.74 12.40 16.95
C LYS A 107 3.16 12.28 17.47
N ARG A 108 4.16 13.04 17.07
CA ARG A 108 5.46 12.95 17.71
C ARG A 108 6.16 14.30 17.56
N THR A 109 7.43 14.38 17.91
CA THR A 109 8.20 15.63 17.82
C THR A 109 8.64 15.98 16.40
N VAL A 110 8.90 17.24 16.03
CA VAL A 110 9.25 17.52 14.65
C VAL A 110 10.61 16.93 14.31
N ALA A 111 10.73 16.45 13.08
CA ALA A 111 11.96 15.91 12.61
C ALA A 111 12.04 16.50 11.22
N ALA A 112 13.23 17.11 11.02
CA ALA A 112 13.66 17.79 9.81
C ALA A 112 14.09 16.75 8.82
N PRO A 113 13.75 16.94 7.57
CA PRO A 113 14.12 15.99 6.53
C PRO A 113 15.58 15.96 6.08
N SER A 114 16.05 14.82 5.61
CA SER A 114 17.31 14.73 4.91
C SER A 114 16.93 14.90 3.45
N VAL A 115 17.62 15.72 2.66
CA VAL A 115 17.19 16.02 1.31
C VAL A 115 18.21 15.45 0.38
N PHE A 116 17.80 14.89 -0.75
CA PHE A 116 18.70 14.30 -1.71
C PHE A 116 18.18 14.69 -3.09
N ILE A 117 19.02 14.88 -4.11
CA ILE A 117 18.54 15.16 -5.44
C ILE A 117 19.31 14.17 -6.34
N PHE A 118 18.64 13.71 -7.40
CA PHE A 118 19.21 12.75 -8.33
C PHE A 118 18.96 13.26 -9.74
N PRO A 119 20.03 13.44 -10.55
CA PRO A 119 19.98 13.64 -12.00
C PRO A 119 19.35 12.49 -12.81
N PRO A 120 18.80 12.74 -14.02
CA PRO A 120 18.42 11.70 -14.99
C PRO A 120 19.57 10.77 -15.30
N SER A 121 19.27 9.48 -15.37
CA SER A 121 20.27 8.48 -15.73
C SER A 121 20.64 8.63 -17.20
N ASP A 122 21.68 7.94 -17.65
CA ASP A 122 22.04 8.03 -19.04
C ASP A 122 21.03 7.36 -19.96
N GLU A 123 20.74 6.11 -19.67
CA GLU A 123 19.81 5.39 -20.51
C GLU A 123 18.41 5.97 -20.50
N GLN A 124 18.11 6.78 -19.50
CA GLN A 124 16.84 7.45 -19.55
C GLN A 124 16.92 8.54 -20.60
N LEU A 125 17.97 9.40 -20.63
CA LEU A 125 18.07 10.45 -21.65
C LEU A 125 18.19 9.84 -23.04
N LYS A 126 18.67 8.59 -23.17
CA LYS A 126 18.59 7.84 -24.45
C LYS A 126 17.13 7.77 -24.92
N SER A 127 16.09 7.54 -24.09
CA SER A 127 14.72 7.50 -24.57
C SER A 127 14.08 8.87 -24.79
N GLY A 128 14.85 9.95 -24.82
CA GLY A 128 14.29 11.24 -25.05
C GLY A 128 13.56 11.81 -23.84
N THR A 129 13.63 11.33 -22.58
CA THR A 129 13.00 11.97 -21.41
C THR A 129 13.99 12.10 -20.29
N ALA A 130 13.69 12.96 -19.34
CA ALA A 130 14.58 13.17 -18.21
C ALA A 130 13.81 13.40 -16.90
N SER A 131 13.87 12.44 -15.97
CA SER A 131 13.20 12.63 -14.69
C SER A 131 14.23 13.00 -13.66
N VAL A 132 14.00 14.10 -12.93
CA VAL A 132 14.88 14.55 -11.86
C VAL A 132 14.12 14.28 -10.56
N VAL A 133 14.74 13.62 -9.56
CA VAL A 133 14.04 13.26 -8.33
C VAL A 133 14.65 14.01 -7.16
N CYS A 134 13.84 14.50 -6.24
CA CYS A 134 14.27 15.14 -5.02
C CYS A 134 13.72 14.32 -3.87
N LEU A 135 14.47 13.83 -2.91
CA LEU A 135 13.98 13.01 -1.84
C LEU A 135 14.12 13.75 -0.54
N LEU A 136 13.07 13.73 0.25
CA LEU A 136 13.00 14.29 1.58
C LEU A 136 12.87 13.05 2.43
N ASN A 137 13.79 12.68 3.28
CA ASN A 137 13.68 11.40 3.95
C ASN A 137 13.43 11.67 5.38
N ASN A 138 12.54 10.89 5.97
CA ASN A 138 12.25 10.83 7.38
C ASN A 138 11.97 12.06 8.19
N PHE A 139 10.79 12.62 7.97
CA PHE A 139 10.42 13.83 8.68
C PHE A 139 9.07 13.76 9.37
N TYR A 140 8.82 14.69 10.29
CA TYR A 140 7.54 14.81 10.95
C TYR A 140 7.33 16.29 11.21
N PRO A 141 6.16 16.95 11.20
CA PRO A 141 4.89 16.54 10.56
C PRO A 141 4.94 16.33 9.05
N ARG A 142 3.87 15.86 8.43
CA ARG A 142 3.89 15.53 7.00
C ARG A 142 3.93 16.72 6.08
N GLU A 143 3.62 17.93 6.53
CA GLU A 143 3.54 19.07 5.62
C GLU A 143 4.93 19.64 5.35
N ALA A 144 5.26 19.77 4.05
CA ALA A 144 6.56 20.22 3.56
C ALA A 144 6.31 20.80 2.19
N LYS A 145 7.12 21.70 1.67
CA LYS A 145 6.94 22.29 0.36
C LYS A 145 8.20 22.08 -0.49
N VAL A 146 8.11 21.51 -1.69
CA VAL A 146 9.25 21.34 -2.57
C VAL A 146 9.01 22.23 -3.77
N GLN A 147 10.04 22.99 -4.12
CA GLN A 147 10.01 23.98 -5.19
C GLN A 147 11.17 23.63 -6.09
N TRP A 148 10.91 23.58 -7.39
CA TRP A 148 11.94 23.29 -8.37
C TRP A 148 12.30 24.59 -9.03
N LYS A 149 13.57 24.78 -9.35
CA LYS A 149 14.05 25.99 -9.97
C LYS A 149 15.03 25.46 -10.98
N VAL A 150 14.96 25.84 -12.23
CA VAL A 150 15.84 25.39 -13.29
C VAL A 150 16.36 26.73 -13.83
N ASP A 151 17.68 26.91 -13.85
CA ASP A 151 18.34 28.19 -14.18
C ASP A 151 17.84 29.31 -13.23
N ASN A 152 18.23 29.01 -12.00
CA ASN A 152 17.90 29.73 -10.78
C ASN A 152 16.43 30.04 -10.70
N ALA A 153 15.89 31.25 -10.47
CA ALA A 153 14.50 31.36 -10.05
C ALA A 153 13.45 31.05 -11.12
N LEU A 154 13.86 30.45 -12.27
CA LEU A 154 12.89 29.99 -13.22
C LEU A 154 12.41 28.74 -12.50
N GLN A 155 11.45 28.98 -11.62
CA GLN A 155 10.95 27.91 -10.81
C GLN A 155 9.68 27.46 -11.50
N SER A 156 9.58 26.14 -11.57
CA SER A 156 8.59 25.47 -12.36
C SER A 156 7.27 24.98 -11.74
N GLY A 157 6.33 24.51 -12.59
CA GLY A 157 5.04 23.89 -12.25
C GLY A 157 4.74 22.57 -13.02
N ASN A 158 5.69 21.62 -13.22
CA ASN A 158 5.52 20.32 -13.95
C ASN A 158 6.11 19.08 -13.19
N SER A 159 5.84 19.02 -11.87
CA SER A 159 6.31 17.97 -11.01
C SER A 159 5.17 17.16 -10.38
N GLN A 160 5.44 15.92 -9.96
CA GLN A 160 4.49 15.16 -9.19
C GLN A 160 5.17 14.69 -7.92
N GLU A 161 4.37 14.50 -6.86
CA GLU A 161 4.81 14.07 -5.54
C GLU A 161 4.21 12.76 -5.06
N SER A 162 4.88 12.11 -4.11
CA SER A 162 4.43 10.86 -3.55
C SER A 162 4.96 10.83 -2.12
N VAL A 163 4.12 10.49 -1.14
CA VAL A 163 4.45 10.53 0.27
C VAL A 163 4.11 9.15 0.75
N THR A 164 4.95 8.58 1.56
CA THR A 164 4.80 7.25 2.08
C THR A 164 3.85 7.32 3.30
N GLU A 165 3.30 6.21 3.80
CA GLU A 165 2.47 6.25 5.01
C GLU A 165 3.40 6.39 6.22
N GLN A 166 2.89 6.51 7.43
CA GLN A 166 3.70 6.69 8.61
C GLN A 166 4.47 5.43 8.92
N ASP A 167 5.73 5.56 9.32
CA ASP A 167 6.54 4.40 9.58
C ASP A 167 6.12 3.86 10.93
N SER A 168 5.95 2.56 11.10
CA SER A 168 5.56 1.99 12.37
C SER A 168 6.61 1.96 13.46
N LYS A 169 7.83 2.36 13.10
CA LYS A 169 8.95 2.32 14.02
C LYS A 169 9.22 3.70 14.60
N ASP A 170 9.33 4.72 13.75
CA ASP A 170 9.67 6.08 14.16
C ASP A 170 8.63 7.17 13.89
N SER A 171 7.49 6.82 13.30
CA SER A 171 6.43 7.74 12.94
C SER A 171 6.72 8.86 11.96
N THR A 172 7.69 8.66 11.03
CA THR A 172 7.96 9.67 10.04
C THR A 172 7.39 9.28 8.67
N TYR A 173 7.48 10.28 7.78
CA TYR A 173 7.07 10.21 6.38
C TYR A 173 8.32 10.43 5.56
N SER A 174 8.28 10.03 4.30
CA SER A 174 9.34 10.35 3.36
C SER A 174 8.58 10.84 2.15
N LEU A 175 9.16 11.64 1.26
CA LEU A 175 8.44 12.19 0.11
C LEU A 175 9.34 12.27 -1.13
N SER A 176 8.82 12.12 -2.35
CA SER A 176 9.61 12.28 -3.54
C SER A 176 8.89 13.22 -4.46
N SER A 177 9.63 14.10 -5.09
CA SER A 177 9.10 14.97 -6.10
C SER A 177 9.83 14.56 -7.36
N THR A 178 9.13 14.30 -8.45
CA THR A 178 9.75 14.01 -9.72
C THR A 178 9.38 15.13 -10.68
N LEU A 179 10.42 15.72 -11.25
CA LEU A 179 10.30 16.76 -12.25
C LEU A 179 10.50 16.02 -13.55
N THR A 180 9.61 16.12 -14.53
CA THR A 180 9.88 15.45 -15.79
C THR A 180 9.88 16.48 -16.90
N LEU A 181 10.95 16.41 -17.69
CA LEU A 181 11.06 17.23 -18.89
C LEU A 181 11.69 16.39 -20.00
N SER A 182 11.53 16.84 -21.24
CA SER A 182 12.06 16.12 -22.38
C SER A 182 13.58 16.23 -22.46
N LYS A 183 14.34 15.30 -23.08
CA LYS A 183 15.79 15.36 -23.23
C LYS A 183 16.26 16.71 -23.78
N ALA A 184 15.51 17.31 -24.71
CA ALA A 184 15.81 18.62 -25.29
C ALA A 184 15.63 19.77 -24.31
N ASP A 185 14.58 19.71 -23.50
CA ASP A 185 14.34 20.69 -22.45
C ASP A 185 15.35 20.64 -21.34
N TYR A 186 15.81 19.45 -20.99
CA TYR A 186 16.83 19.29 -20.00
C TYR A 186 18.11 19.83 -20.62
N GLU A 187 18.49 19.42 -21.84
CA GLU A 187 19.67 19.91 -22.54
C GLU A 187 19.46 21.30 -23.11
N LYS A 188 19.50 22.24 -22.18
CA LYS A 188 19.15 23.60 -22.47
C LYS A 188 19.44 24.40 -21.25
N HIS A 189 19.24 23.77 -20.09
CA HIS A 189 19.39 24.43 -18.82
C HIS A 189 20.56 23.79 -18.09
N LYS A 190 21.19 24.45 -17.11
CA LYS A 190 22.30 23.82 -16.41
C LYS A 190 22.19 23.71 -14.88
N VAL A 191 21.53 24.59 -14.15
CA VAL A 191 21.41 24.48 -12.69
C VAL A 191 20.02 23.93 -12.46
N TYR A 192 19.93 22.75 -11.84
CA TYR A 192 18.66 22.14 -11.46
C TYR A 192 18.62 22.12 -9.95
N ALA A 193 17.61 22.70 -9.30
CA ALA A 193 17.59 22.71 -7.85
C ALA A 193 16.25 22.37 -7.22
N CYS A 194 16.32 21.78 -6.03
CA CYS A 194 15.18 21.39 -5.22
C CYS A 194 15.19 22.25 -3.96
N GLU A 195 14.21 23.09 -3.67
CA GLU A 195 14.24 23.90 -2.47
C GLU A 195 13.13 23.46 -1.51
N VAL A 196 13.48 23.15 -0.28
CA VAL A 196 12.61 22.52 0.69
C VAL A 196 12.25 23.41 1.87
N THR A 197 10.97 23.46 2.20
CA THR A 197 10.54 24.16 3.38
C THR A 197 9.74 23.21 4.27
N HIS A 198 10.10 23.14 5.53
CA HIS A 198 9.49 22.25 6.50
C HIS A 198 9.74 22.93 7.83
N GLN A 199 8.88 22.69 8.83
CA GLN A 199 9.04 23.17 10.20
C GLN A 199 10.32 22.89 10.97
N GLY A 200 10.97 21.74 10.79
CA GLY A 200 12.16 21.36 11.54
C GLY A 200 13.47 21.92 11.02
N LEU A 201 13.41 22.67 9.90
CA LEU A 201 14.60 23.25 9.29
C LEU A 201 14.66 24.72 9.73
N SER A 202 15.84 25.31 9.96
CA SER A 202 15.88 26.71 10.34
C SER A 202 15.89 27.66 9.15
N SER A 203 16.10 27.12 7.96
CA SER A 203 16.22 27.86 6.72
C SER A 203 15.75 26.89 5.63
N PRO A 204 15.08 27.33 4.55
CA PRO A 204 14.85 26.54 3.36
C PRO A 204 16.12 25.91 2.88
N VAL A 205 16.07 24.61 2.56
CA VAL A 205 17.24 23.87 2.05
C VAL A 205 17.25 23.75 0.52
N THR A 206 18.39 23.79 -0.13
CA THR A 206 18.48 23.68 -1.56
C THR A 206 19.51 22.62 -1.86
N LYS A 207 19.19 21.71 -2.78
CA LYS A 207 20.12 20.71 -3.28
C LYS A 207 20.06 20.97 -4.77
N SER A 208 21.21 21.23 -5.38
CA SER A 208 21.33 21.56 -6.78
C SER A 208 22.36 20.70 -7.45
N PHE A 209 22.37 20.66 -8.77
CA PHE A 209 23.44 20.04 -9.51
C PHE A 209 23.49 20.80 -10.81
N ASN A 210 24.66 20.67 -11.42
CA ASN A 210 24.95 21.22 -12.74
C ASN A 210 24.78 20.09 -13.73
N ARG A 211 24.10 20.43 -14.82
CA ARG A 211 23.86 19.55 -15.94
C ARG A 211 25.26 19.46 -16.55
N GLY A 212 25.83 18.29 -16.36
CA GLY A 212 27.20 17.98 -16.76
C GLY A 212 27.85 16.95 -15.81
N GLU A 213 27.44 16.93 -14.53
CA GLU A 213 27.97 16.00 -13.52
C GLU A 213 29.50 16.12 -13.52
N CYS A 214 30.25 14.99 -13.49
CA CYS A 214 31.70 14.81 -13.65
C CYS A 214 32.06 13.52 -12.90
N GLN B 1 1.16 -23.24 5.62
CA GLN B 1 2.53 -22.87 5.32
C GLN B 1 2.82 -23.02 3.82
N VAL B 2 3.27 -21.87 3.32
CA VAL B 2 3.50 -21.42 1.93
C VAL B 2 3.03 -19.98 2.28
N LYS B 3 1.79 -19.95 2.85
CA LYS B 3 1.03 -18.87 3.49
C LYS B 3 0.08 -19.75 4.33
N LEU B 4 -1.24 -19.59 4.27
CA LEU B 4 -2.21 -20.44 4.93
C LEU B 4 -3.31 -20.24 3.89
N LEU B 5 -3.82 -19.06 3.57
CA LEU B 5 -4.78 -18.88 2.49
C LEU B 5 -3.94 -18.15 1.48
N GLU B 6 -3.78 -18.50 0.20
CA GLU B 6 -3.00 -17.72 -0.74
C GLU B 6 -3.77 -17.50 -2.03
N GLN B 7 -3.65 -16.34 -2.65
CA GLN B 7 -4.47 -16.03 -3.80
C GLN B 7 -3.74 -15.88 -5.13
N SER B 8 -4.48 -15.81 -6.22
CA SER B 8 -3.90 -15.69 -7.55
C SER B 8 -3.44 -14.27 -7.86
N GLY B 9 -2.88 -13.97 -9.02
CA GLY B 9 -2.24 -12.69 -9.24
C GLY B 9 -3.18 -11.62 -9.72
N ALA B 10 -2.65 -10.40 -9.76
CA ALA B 10 -3.39 -9.27 -10.22
C ALA B 10 -3.71 -9.40 -11.69
N GLU B 11 -4.88 -8.96 -12.14
CA GLU B 11 -5.27 -9.09 -13.55
C GLU B 11 -5.86 -7.80 -14.12
N VAL B 12 -5.73 -7.47 -15.41
CA VAL B 12 -6.47 -6.36 -16.06
C VAL B 12 -7.42 -7.18 -16.96
N LYS B 13 -8.68 -6.75 -16.93
CA LYS B 13 -9.75 -7.36 -17.68
C LYS B 13 -10.45 -6.19 -18.32
N LYS B 14 -10.95 -6.41 -19.51
CA LYS B 14 -11.64 -5.39 -20.29
C LYS B 14 -13.03 -5.27 -19.71
N PRO B 15 -13.73 -4.12 -19.78
CA PRO B 15 -15.12 -4.01 -19.33
C PRO B 15 -15.98 -4.98 -20.15
N GLY B 16 -16.79 -5.75 -19.44
CA GLY B 16 -17.64 -6.74 -20.07
C GLY B 16 -17.06 -8.14 -19.90
N ALA B 17 -15.78 -8.35 -19.67
CA ALA B 17 -15.27 -9.67 -19.47
C ALA B 17 -15.64 -10.25 -18.09
N SER B 18 -15.02 -11.39 -17.78
CA SER B 18 -15.17 -12.10 -16.54
C SER B 18 -13.78 -12.33 -15.94
N VAL B 19 -13.67 -12.44 -14.61
CA VAL B 19 -12.40 -12.67 -13.93
C VAL B 19 -12.65 -13.89 -13.06
N LYS B 20 -11.67 -14.76 -12.81
CA LYS B 20 -11.81 -15.87 -11.88
C LYS B 20 -10.65 -15.70 -10.93
N VAL B 21 -10.88 -15.59 -9.63
CA VAL B 21 -9.85 -15.40 -8.63
C VAL B 21 -9.82 -16.70 -7.81
N SER B 22 -8.68 -17.33 -7.51
CA SER B 22 -8.60 -18.50 -6.64
C SER B 22 -8.05 -18.20 -5.28
N CYS B 23 -8.23 -19.14 -4.40
CA CYS B 23 -7.78 -19.03 -3.05
C CYS B 23 -7.45 -20.45 -2.55
N LYS B 24 -6.17 -20.81 -2.51
CA LYS B 24 -5.67 -22.11 -2.06
C LYS B 24 -5.42 -22.13 -0.54
N ALA B 25 -6.05 -23.09 0.13
CA ALA B 25 -5.93 -23.28 1.57
C ALA B 25 -4.73 -24.19 1.89
N SER B 26 -3.76 -23.96 2.77
CA SER B 26 -2.73 -24.93 3.05
C SER B 26 -2.67 -25.01 4.58
N GLY B 27 -2.34 -26.17 5.17
CA GLY B 27 -2.05 -26.26 6.61
C GLY B 27 -3.19 -26.33 7.61
N TYR B 28 -4.45 -26.46 7.15
CA TYR B 28 -5.60 -26.72 8.00
C TYR B 28 -6.47 -27.64 7.15
N SER B 29 -7.46 -28.33 7.73
CA SER B 29 -8.41 -29.13 6.95
C SER B 29 -9.45 -28.27 6.24
N PHE B 30 -9.19 -28.20 4.95
CA PHE B 30 -10.02 -27.46 4.02
C PHE B 30 -11.52 -27.71 4.16
N THR B 31 -12.05 -28.93 4.24
CA THR B 31 -13.49 -29.11 4.27
C THR B 31 -14.13 -28.90 5.62
N SER B 32 -13.40 -28.49 6.66
CA SER B 32 -14.01 -28.21 7.95
C SER B 32 -14.39 -26.74 8.17
N TYR B 33 -14.25 -25.81 7.18
CA TYR B 33 -14.46 -24.36 7.33
C TYR B 33 -15.12 -23.78 6.09
N GLY B 34 -15.70 -22.60 6.21
CA GLY B 34 -16.30 -21.98 5.06
C GLY B 34 -15.33 -20.90 4.67
N LEU B 35 -15.36 -20.39 3.45
CA LEU B 35 -14.55 -19.24 3.04
C LEU B 35 -15.43 -18.07 2.62
N HIS B 36 -15.18 -16.84 3.09
CA HIS B 36 -15.90 -15.65 2.68
C HIS B 36 -15.10 -14.95 1.59
N TRP B 37 -15.76 -14.11 0.79
CA TRP B 37 -15.13 -13.35 -0.27
C TRP B 37 -15.53 -11.90 -0.03
N VAL B 38 -14.54 -10.99 0.04
CA VAL B 38 -14.74 -9.59 0.41
C VAL B 38 -14.00 -8.69 -0.61
N ARG B 39 -14.45 -7.50 -1.02
CA ARG B 39 -13.63 -6.66 -1.87
C ARG B 39 -13.46 -5.28 -1.26
N GLN B 40 -12.38 -4.59 -1.64
CA GLN B 40 -12.19 -3.20 -1.24
C GLN B 40 -11.78 -2.38 -2.46
N ALA B 41 -12.73 -1.55 -2.90
CA ALA B 41 -12.52 -0.59 -3.98
C ALA B 41 -11.71 0.56 -3.46
N PRO B 42 -10.84 1.17 -4.26
CA PRO B 42 -10.00 2.28 -3.87
C PRO B 42 -10.72 3.34 -3.04
N GLY B 43 -10.13 3.51 -1.86
CA GLY B 43 -10.61 4.50 -0.90
C GLY B 43 -11.97 4.19 -0.28
N GLN B 44 -12.44 2.96 -0.42
CA GLN B 44 -13.72 2.58 0.10
C GLN B 44 -13.56 1.56 1.19
N ARG B 45 -14.71 1.28 1.81
CA ARG B 45 -14.82 0.28 2.85
C ARG B 45 -14.97 -1.07 2.14
N LEU B 46 -14.69 -2.06 2.98
CA LEU B 46 -14.75 -3.47 2.63
C LEU B 46 -16.20 -3.85 2.40
N GLU B 47 -16.45 -4.62 1.38
CA GLU B 47 -17.80 -5.02 1.02
C GLU B 47 -17.83 -6.54 0.92
N TRP B 48 -18.70 -7.17 1.71
CA TRP B 48 -18.90 -8.60 1.67
C TRP B 48 -19.60 -9.01 0.39
N MET B 49 -19.06 -9.97 -0.34
CA MET B 49 -19.66 -10.48 -1.56
C MET B 49 -20.35 -11.83 -1.45
N GLY B 50 -19.84 -12.83 -0.71
CA GLY B 50 -20.48 -14.13 -0.57
C GLY B 50 -19.65 -15.10 0.25
N TRP B 51 -20.06 -16.38 0.42
CA TRP B 51 -19.44 -17.38 1.28
C TRP B 51 -19.63 -18.74 0.61
N ILE B 52 -18.75 -19.71 0.79
CA ILE B 52 -18.94 -21.07 0.28
C ILE B 52 -18.48 -22.03 1.38
N SER B 53 -19.32 -23.00 1.68
CA SER B 53 -18.96 -24.10 2.57
C SER B 53 -17.99 -25.00 1.81
N ALA B 54 -16.76 -25.30 2.26
CA ALA B 54 -15.89 -26.17 1.46
C ALA B 54 -16.23 -27.68 1.56
N GLY B 55 -17.05 -28.00 2.57
CA GLY B 55 -17.61 -29.32 2.78
C GLY B 55 -18.79 -29.62 1.85
N THR B 56 -19.87 -28.85 1.81
CA THR B 56 -21.01 -29.17 0.95
C THR B 56 -20.94 -28.52 -0.44
N GLY B 57 -20.22 -27.40 -0.56
CA GLY B 57 -20.21 -26.64 -1.79
C GLY B 57 -21.33 -25.60 -1.80
N ASN B 58 -22.12 -25.45 -0.74
CA ASN B 58 -23.23 -24.52 -0.66
C ASN B 58 -22.76 -23.10 -0.53
N THR B 59 -23.61 -22.30 -1.13
CA THR B 59 -23.38 -20.89 -1.40
C THR B 59 -24.38 -19.89 -0.84
N LYS B 60 -23.85 -18.76 -0.34
CA LYS B 60 -24.61 -17.61 0.12
C LYS B 60 -23.98 -16.42 -0.56
N TYR B 61 -24.69 -15.39 -1.01
CA TYR B 61 -24.08 -14.20 -1.59
C TYR B 61 -24.92 -12.95 -1.39
N SER B 62 -24.26 -11.84 -1.66
CA SER B 62 -24.87 -10.52 -1.55
C SER B 62 -25.71 -10.28 -2.79
N GLN B 63 -26.95 -9.86 -2.55
CA GLN B 63 -27.84 -9.59 -3.65
C GLN B 63 -27.38 -8.42 -4.47
N LYS B 64 -26.38 -7.65 -4.02
CA LYS B 64 -25.76 -6.64 -4.86
C LYS B 64 -25.12 -7.29 -6.12
N PHE B 65 -24.68 -8.56 -6.00
CA PHE B 65 -24.02 -9.25 -7.08
C PHE B 65 -24.90 -10.30 -7.69
N ARG B 66 -26.22 -10.19 -7.48
CA ARG B 66 -27.24 -11.11 -7.97
C ARG B 66 -27.09 -11.35 -9.45
N GLY B 67 -26.96 -12.60 -9.90
CA GLY B 67 -26.84 -12.89 -11.31
C GLY B 67 -25.42 -12.83 -11.89
N ARG B 68 -24.41 -12.20 -11.25
CA ARG B 68 -23.08 -12.19 -11.85
C ARG B 68 -21.92 -12.70 -11.03
N VAL B 69 -22.16 -13.29 -9.84
CA VAL B 69 -21.09 -13.88 -9.06
C VAL B 69 -21.27 -15.39 -8.95
N THR B 70 -20.20 -16.21 -9.05
CA THR B 70 -20.29 -17.66 -8.82
C THR B 70 -19.18 -18.07 -7.87
N PHE B 71 -19.39 -19.09 -7.00
CA PHE B 71 -18.41 -19.59 -6.03
C PHE B 71 -18.37 -21.09 -6.24
N THR B 72 -17.14 -21.63 -6.32
CA THR B 72 -16.80 -23.00 -6.63
C THR B 72 -15.64 -23.42 -5.73
N ARG B 73 -15.53 -24.68 -5.29
CA ARG B 73 -14.35 -25.17 -4.59
C ARG B 73 -13.98 -26.52 -5.16
N ASP B 74 -12.70 -26.72 -5.36
CA ASP B 74 -12.13 -27.97 -5.80
C ASP B 74 -11.56 -28.52 -4.49
N THR B 75 -12.31 -29.44 -3.94
CA THR B 75 -11.97 -30.08 -2.69
C THR B 75 -10.67 -30.90 -2.79
N SER B 76 -10.32 -31.50 -3.93
CA SER B 76 -9.07 -32.25 -4.01
C SER B 76 -7.89 -31.31 -4.01
N ALA B 77 -7.91 -30.27 -4.84
CA ALA B 77 -6.82 -29.29 -4.90
C ALA B 77 -6.87 -28.28 -3.75
N THR B 78 -7.88 -28.36 -2.87
CA THR B 78 -8.06 -27.47 -1.74
C THR B 78 -8.00 -25.97 -2.13
N THR B 79 -8.74 -25.68 -3.19
CA THR B 79 -8.84 -24.34 -3.75
C THR B 79 -10.28 -23.91 -3.88
N ALA B 80 -10.60 -22.65 -3.58
CA ALA B 80 -11.93 -22.14 -3.81
C ALA B 80 -11.76 -21.02 -4.82
N TYR B 81 -12.81 -20.69 -5.58
CA TYR B 81 -12.73 -19.70 -6.63
C TYR B 81 -13.99 -18.90 -6.59
N MET B 82 -13.88 -17.67 -7.07
CA MET B 82 -14.99 -16.78 -7.21
C MET B 82 -14.93 -16.37 -8.67
N GLY B 83 -16.05 -16.39 -9.40
CA GLY B 83 -16.15 -15.94 -10.77
C GLY B 83 -16.94 -14.64 -10.74
N LEU B 84 -16.57 -13.54 -11.43
CA LEU B 84 -17.31 -12.28 -11.42
C LEU B 84 -17.41 -11.88 -12.87
N SER B 85 -18.65 -11.87 -13.37
CA SER B 85 -19.00 -11.67 -14.77
C SER B 85 -19.39 -10.22 -15.05
N SER B 86 -19.45 -9.83 -16.33
CA SER B 86 -19.90 -8.53 -16.76
C SER B 86 -19.28 -7.40 -15.99
N LEU B 87 -17.96 -7.45 -16.06
CA LEU B 87 -17.10 -6.51 -15.37
C LEU B 87 -17.29 -5.06 -15.80
N ARG B 88 -17.64 -4.23 -14.82
CA ARG B 88 -17.67 -2.80 -14.99
C ARG B 88 -16.45 -2.06 -14.44
N PRO B 89 -16.05 -0.83 -14.84
CA PRO B 89 -14.94 -0.08 -14.29
C PRO B 89 -14.87 -0.06 -12.78
N GLU B 90 -16.06 -0.01 -12.14
CA GLU B 90 -16.21 0.00 -10.68
C GLU B 90 -15.96 -1.28 -9.91
N ASP B 91 -15.58 -2.33 -10.63
CA ASP B 91 -15.19 -3.58 -10.03
C ASP B 91 -13.66 -3.55 -9.86
N THR B 92 -12.95 -2.45 -10.15
CA THR B 92 -11.52 -2.37 -9.86
C THR B 92 -11.52 -2.38 -8.35
N ALA B 93 -10.87 -3.38 -7.79
CA ALA B 93 -10.80 -3.47 -6.35
C ALA B 93 -9.85 -4.59 -6.01
N VAL B 94 -9.52 -4.74 -4.72
CA VAL B 94 -8.71 -5.83 -4.21
C VAL B 94 -9.70 -6.85 -3.65
N TYR B 95 -9.67 -8.09 -4.16
CA TYR B 95 -10.55 -9.19 -3.78
C TYR B 95 -9.83 -10.06 -2.80
N TYR B 96 -10.40 -10.22 -1.60
CA TYR B 96 -9.90 -11.12 -0.57
C TYR B 96 -10.80 -12.32 -0.34
N CYS B 97 -10.16 -13.46 -0.10
CA CYS B 97 -10.86 -14.60 0.49
C CYS B 97 -10.50 -14.55 1.97
N ALA B 98 -11.35 -14.99 2.88
CA ALA B 98 -11.03 -14.89 4.29
C ALA B 98 -11.68 -16.08 4.95
N ARG B 99 -11.16 -16.71 6.01
CA ARG B 99 -11.83 -17.87 6.58
C ARG B 99 -12.91 -17.67 7.65
N ASP B 100 -13.95 -18.52 7.46
CA ASP B 100 -15.01 -18.61 8.45
C ASP B 100 -14.59 -19.64 9.51
N PRO B 101 -14.29 -19.26 10.77
CA PRO B 101 -13.78 -20.13 11.81
C PRO B 101 -14.67 -21.30 12.15
N TYR B 102 -15.94 -21.20 11.79
CA TYR B 102 -16.94 -22.12 12.28
C TYR B 102 -17.68 -22.89 11.19
N GLY B 103 -17.52 -22.60 9.88
CA GLY B 103 -18.28 -23.24 8.81
C GLY B 103 -19.79 -22.93 8.75
N GLY B 104 -20.39 -21.94 9.43
CA GLY B 104 -21.82 -21.65 9.34
C GLY B 104 -22.21 -20.47 8.41
N GLY B 105 -21.30 -19.59 8.03
CA GLY B 105 -21.67 -18.53 7.10
C GLY B 105 -21.62 -17.15 7.70
N LYS B 106 -22.03 -17.00 8.93
CA LYS B 106 -22.14 -15.72 9.57
C LYS B 106 -21.08 -15.64 10.67
N SER B 107 -19.95 -14.97 10.49
CA SER B 107 -18.86 -15.06 11.43
C SER B 107 -17.96 -13.88 11.25
N GLU B 108 -17.01 -13.69 12.16
CA GLU B 108 -15.89 -12.79 11.97
C GLU B 108 -14.94 -13.56 11.04
N PHE B 109 -13.84 -13.03 10.54
CA PHE B 109 -13.00 -13.79 9.64
C PHE B 109 -11.61 -13.83 10.24
N ASP B 110 -11.15 -15.01 10.68
CA ASP B 110 -9.89 -15.00 11.38
C ASP B 110 -8.70 -15.10 10.48
N TYR B 111 -8.67 -15.67 9.28
CA TYR B 111 -7.45 -15.63 8.44
C TYR B 111 -7.83 -14.96 7.15
N TRP B 112 -7.05 -14.05 6.62
CA TRP B 112 -7.31 -13.47 5.33
C TRP B 112 -6.31 -13.86 4.26
N GLY B 113 -6.69 -13.97 3.01
CA GLY B 113 -5.73 -14.19 1.94
C GLY B 113 -5.08 -12.84 1.69
N GLN B 114 -4.16 -12.69 0.78
CA GLN B 114 -3.46 -11.41 0.63
C GLN B 114 -4.06 -10.38 -0.32
N GLY B 115 -5.08 -10.80 -1.08
CA GLY B 115 -5.75 -9.96 -2.06
C GLY B 115 -5.22 -10.06 -3.49
N THR B 116 -6.12 -9.93 -4.46
CA THR B 116 -5.67 -9.85 -5.81
C THR B 116 -6.43 -8.66 -6.36
N LEU B 117 -5.66 -7.78 -6.98
CA LEU B 117 -6.14 -6.55 -7.58
C LEU B 117 -6.62 -6.93 -8.97
N VAL B 118 -7.88 -6.64 -9.28
CA VAL B 118 -8.42 -6.83 -10.61
C VAL B 118 -8.65 -5.37 -11.06
N THR B 119 -8.14 -4.96 -12.21
CA THR B 119 -8.31 -3.58 -12.67
C THR B 119 -9.24 -3.79 -13.86
N VAL B 120 -10.32 -3.05 -14.05
CA VAL B 120 -11.12 -3.26 -15.26
C VAL B 120 -10.79 -2.10 -16.18
N SER B 121 -10.14 -2.32 -17.32
CA SER B 121 -9.71 -1.27 -18.22
C SER B 121 -9.55 -1.75 -19.66
N SER B 122 -9.63 -0.84 -20.64
CA SER B 122 -9.32 -1.23 -22.00
C SER B 122 -7.89 -0.90 -22.35
N ALA B 123 -7.10 -0.31 -21.43
CA ALA B 123 -5.72 -0.03 -21.75
C ALA B 123 -4.88 -1.31 -21.82
N SER B 124 -3.87 -1.43 -22.68
CA SER B 124 -3.05 -2.65 -22.78
C SER B 124 -2.12 -2.69 -21.61
N THR B 125 -1.69 -3.89 -21.25
CA THR B 125 -0.67 -4.08 -20.23
C THR B 125 0.71 -3.63 -20.80
N LYS B 126 1.49 -2.89 -20.01
CA LYS B 126 2.75 -2.34 -20.43
C LYS B 126 3.69 -2.62 -19.27
N GLY B 127 4.84 -3.24 -19.52
CA GLY B 127 5.82 -3.54 -18.46
C GLY B 127 6.73 -2.34 -18.22
N PRO B 128 7.38 -2.18 -17.07
CA PRO B 128 8.06 -0.94 -16.70
C PRO B 128 9.46 -0.71 -17.25
N SER B 129 10.02 0.48 -17.14
CA SER B 129 11.39 0.70 -17.51
C SER B 129 11.99 0.99 -16.17
N VAL B 130 13.12 0.39 -15.80
CA VAL B 130 13.71 0.67 -14.51
C VAL B 130 14.92 1.50 -14.82
N PHE B 131 15.16 2.63 -14.16
CA PHE B 131 16.31 3.45 -14.42
C PHE B 131 16.89 3.67 -13.05
N PRO B 132 18.22 3.63 -12.88
CA PRO B 132 18.92 3.89 -11.63
C PRO B 132 18.90 5.37 -11.24
N LEU B 133 18.80 5.61 -9.92
CA LEU B 133 18.93 6.93 -9.31
C LEU B 133 20.25 6.67 -8.59
N ALA B 134 21.27 7.05 -9.35
CA ALA B 134 22.63 6.83 -8.94
C ALA B 134 23.04 7.77 -7.81
N PRO B 135 23.59 7.20 -6.72
CA PRO B 135 24.04 7.93 -5.54
C PRO B 135 25.14 8.92 -5.88
N SER B 136 24.86 10.13 -5.42
CA SER B 136 25.76 11.24 -5.57
C SER B 136 25.99 11.58 -7.07
N SER B 137 26.89 12.57 -7.10
CA SER B 137 27.74 13.06 -8.18
C SER B 137 28.66 13.79 -7.18
N LYS B 138 29.41 12.91 -6.46
CA LYS B 138 30.36 13.20 -5.37
C LYS B 138 29.81 14.19 -4.32
N SER B 139 28.92 13.64 -3.49
CA SER B 139 28.26 14.43 -2.46
C SER B 139 28.84 14.08 -1.05
N THR B 140 28.79 12.79 -0.66
CA THR B 140 29.42 12.27 0.55
C THR B 140 29.18 12.91 1.96
N SER B 141 30.04 13.91 2.31
CA SER B 141 30.22 14.51 3.66
C SER B 141 29.12 14.60 4.74
N GLY B 142 29.16 13.62 5.66
CA GLY B 142 28.22 13.46 6.79
C GLY B 142 28.28 12.02 7.29
N GLY B 143 27.90 11.09 6.38
CA GLY B 143 27.89 9.67 6.74
C GLY B 143 26.93 8.84 5.90
N THR B 144 25.67 9.25 5.64
CA THR B 144 24.74 8.48 4.80
C THR B 144 24.49 9.11 3.40
N ALA B 145 24.24 8.21 2.47
CA ALA B 145 24.02 8.54 1.08
C ALA B 145 22.68 7.87 0.73
N ALA B 146 22.04 8.11 -0.41
CA ALA B 146 20.86 7.38 -0.80
C ALA B 146 21.00 7.09 -2.27
N LEU B 147 20.38 5.96 -2.61
CA LEU B 147 20.38 5.42 -3.95
C LEU B 147 19.03 4.79 -4.22
N GLY B 148 18.62 4.58 -5.47
CA GLY B 148 17.30 4.02 -5.70
C GLY B 148 17.06 3.57 -7.13
N CYS B 149 15.80 3.21 -7.39
CA CYS B 149 15.39 2.76 -8.70
C CYS B 149 14.06 3.41 -9.01
N LEU B 150 14.03 4.03 -10.19
CA LEU B 150 12.86 4.66 -10.77
C LEU B 150 12.22 3.58 -11.67
N VAL B 151 10.93 3.29 -11.50
CA VAL B 151 10.17 2.26 -12.23
C VAL B 151 9.13 3.05 -13.02
N LYS B 152 9.44 3.37 -14.27
CA LYS B 152 8.68 4.27 -15.11
C LYS B 152 7.81 3.62 -16.17
N ASP B 153 6.56 4.05 -16.28
CA ASP B 153 5.60 3.75 -17.33
C ASP B 153 5.08 2.35 -17.58
N TYR B 154 4.45 1.85 -16.54
CA TYR B 154 3.83 0.54 -16.56
C TYR B 154 2.32 0.68 -16.33
N PHE B 155 1.62 -0.40 -16.66
CA PHE B 155 0.19 -0.53 -16.45
C PHE B 155 -0.11 -2.03 -16.35
N PRO B 156 -0.95 -2.59 -15.48
CA PRO B 156 -1.61 -1.92 -14.36
C PRO B 156 -0.76 -2.13 -13.13
N GLU B 157 -1.27 -1.71 -11.98
CA GLU B 157 -0.64 -2.04 -10.71
C GLU B 157 -0.81 -3.57 -10.46
N PRO B 158 0.00 -4.30 -9.66
CA PRO B 158 1.16 -3.75 -8.98
C PRO B 158 2.52 -4.11 -9.56
N VAL B 159 3.60 -3.50 -9.04
CA VAL B 159 5.02 -3.79 -9.30
C VAL B 159 5.59 -4.08 -7.90
N THR B 160 6.49 -5.04 -7.78
CA THR B 160 7.10 -5.47 -6.54
C THR B 160 8.58 -5.14 -6.69
N VAL B 161 9.18 -4.43 -5.72
CA VAL B 161 10.57 -4.04 -5.76
C VAL B 161 11.24 -4.57 -4.49
N SER B 162 12.37 -5.25 -4.65
CA SER B 162 13.20 -5.82 -3.59
C SER B 162 14.59 -5.26 -3.73
N TRP B 163 15.42 -5.24 -2.70
CA TRP B 163 16.79 -4.75 -2.79
C TRP B 163 17.74 -5.87 -2.42
N ASN B 164 18.81 -6.11 -3.22
CA ASN B 164 19.79 -7.22 -3.09
C ASN B 164 19.09 -8.54 -2.73
N SER B 165 18.15 -8.82 -3.64
CA SER B 165 17.22 -9.94 -3.64
C SER B 165 16.54 -10.25 -2.31
N GLY B 166 16.28 -9.23 -1.49
CA GLY B 166 15.53 -9.37 -0.25
C GLY B 166 16.38 -9.30 1.02
N ALA B 167 17.69 -9.42 0.90
CA ALA B 167 18.59 -9.34 2.04
C ALA B 167 18.74 -7.92 2.63
N LEU B 168 18.47 -6.84 1.86
CA LEU B 168 18.54 -5.46 2.32
C LEU B 168 17.10 -5.01 2.45
N THR B 169 16.68 -4.83 3.69
CA THR B 169 15.31 -4.42 3.97
C THR B 169 15.14 -3.19 4.86
N SER B 170 16.20 -2.87 5.59
CA SER B 170 16.17 -1.68 6.41
C SER B 170 16.59 -0.49 5.56
N GLY B 171 15.73 0.50 5.74
CA GLY B 171 15.88 1.79 5.11
C GLY B 171 15.34 1.83 3.68
N VAL B 172 14.57 0.82 3.26
CA VAL B 172 14.02 0.85 1.93
C VAL B 172 12.74 1.72 2.02
N HIS B 173 12.50 2.63 1.06
CA HIS B 173 11.30 3.45 0.96
C HIS B 173 10.71 3.28 -0.43
N THR B 174 9.72 2.37 -0.61
CA THR B 174 9.02 2.18 -1.87
C THR B 174 7.76 3.04 -1.81
N PHE B 175 7.79 4.07 -2.62
CA PHE B 175 6.71 5.03 -2.73
C PHE B 175 5.47 4.50 -3.47
N PRO B 176 4.27 4.95 -3.06
CA PRO B 176 3.00 4.73 -3.78
C PRO B 176 3.15 5.13 -5.25
N ALA B 177 2.63 4.42 -6.26
CA ALA B 177 2.86 4.85 -7.62
C ALA B 177 1.97 6.01 -7.94
N VAL B 178 2.31 6.84 -8.92
CA VAL B 178 1.45 7.93 -9.33
C VAL B 178 1.10 7.60 -10.77
N LEU B 179 -0.13 7.87 -11.04
CA LEU B 179 -0.67 7.74 -12.36
C LEU B 179 -0.38 9.08 -13.06
N GLN B 180 0.24 8.94 -14.20
CA GLN B 180 0.65 10.05 -15.03
C GLN B 180 -0.50 10.45 -15.97
N SER B 181 -0.43 11.61 -16.66
CA SER B 181 -1.47 12.04 -17.59
C SER B 181 -1.62 11.07 -18.75
N SER B 182 -0.58 10.33 -19.19
CA SER B 182 -0.74 9.28 -20.21
C SER B 182 -1.57 8.07 -19.74
N GLY B 183 -1.75 7.81 -18.44
CA GLY B 183 -2.45 6.66 -17.92
C GLY B 183 -1.53 5.58 -17.40
N LEU B 184 -0.23 5.77 -17.50
CA LEU B 184 0.71 4.77 -17.06
C LEU B 184 1.18 5.22 -15.67
N TYR B 185 1.72 4.27 -14.90
CA TYR B 185 2.18 4.46 -13.54
C TYR B 185 3.68 4.66 -13.43
N SER B 186 4.15 5.28 -12.34
CA SER B 186 5.55 5.41 -12.02
C SER B 186 5.66 5.32 -10.51
N LEU B 187 6.77 4.77 -10.01
CA LEU B 187 7.01 4.53 -8.61
C LEU B 187 8.52 4.72 -8.35
N SER B 188 9.03 5.05 -7.15
CA SER B 188 10.47 5.00 -6.89
C SER B 188 10.70 4.16 -5.66
N SER B 189 11.84 3.49 -5.62
CA SER B 189 12.22 2.87 -4.38
C SER B 189 13.60 3.40 -4.04
N VAL B 190 13.90 3.74 -2.79
CA VAL B 190 15.22 4.22 -2.41
C VAL B 190 15.65 3.46 -1.19
N VAL B 191 16.93 3.50 -0.93
CA VAL B 191 17.50 2.99 0.31
C VAL B 191 18.44 4.07 0.79
N THR B 192 18.49 4.31 2.09
CA THR B 192 19.45 5.24 2.64
C THR B 192 20.53 4.27 3.18
N VAL B 193 21.82 4.53 2.91
CA VAL B 193 22.90 3.60 3.26
C VAL B 193 24.13 4.34 3.81
N PRO B 194 24.98 3.75 4.69
CA PRO B 194 26.31 4.26 5.06
C PRO B 194 27.19 4.37 3.82
N SER B 195 27.64 5.60 3.53
CA SER B 195 28.37 5.82 2.31
C SER B 195 29.69 5.05 2.28
N SER B 196 30.16 4.68 3.46
CA SER B 196 31.38 3.91 3.68
C SER B 196 31.34 2.53 2.98
N SER B 197 30.10 2.03 2.80
CA SER B 197 29.84 0.83 2.04
C SER B 197 29.64 1.10 0.53
N LEU B 198 29.38 2.31 0.00
CA LEU B 198 29.18 2.54 -1.44
C LEU B 198 30.22 1.97 -2.40
N GLY B 199 31.44 1.75 -1.89
CA GLY B 199 32.53 1.21 -2.69
C GLY B 199 32.75 -0.29 -2.47
N THR B 200 32.29 -0.84 -1.35
CA THR B 200 32.45 -2.27 -1.06
C THR B 200 31.22 -3.10 -1.45
N GLN B 201 30.05 -2.46 -1.39
CA GLN B 201 28.78 -3.08 -1.65
C GLN B 201 28.21 -2.78 -3.04
N THR B 202 27.49 -3.79 -3.57
CA THR B 202 26.74 -3.74 -4.82
C THR B 202 25.27 -3.83 -4.47
N TYR B 203 24.54 -2.81 -4.92
CA TYR B 203 23.12 -2.70 -4.66
C TYR B 203 22.33 -2.93 -5.94
N ILE B 204 21.45 -3.90 -5.86
CA ILE B 204 20.64 -4.33 -6.97
C ILE B 204 19.17 -4.13 -6.58
N CYS B 205 18.34 -3.51 -7.39
CA CYS B 205 16.93 -3.51 -7.10
C CYS B 205 16.32 -4.61 -7.97
N ASN B 206 15.31 -5.31 -7.46
CA ASN B 206 14.71 -6.45 -8.13
C ASN B 206 13.26 -6.10 -8.33
N VAL B 207 12.94 -5.68 -9.55
CA VAL B 207 11.62 -5.25 -9.97
C VAL B 207 10.83 -6.41 -10.58
N ASN B 208 9.56 -6.55 -10.19
CA ASN B 208 8.72 -7.60 -10.70
C ASN B 208 7.40 -6.99 -11.05
N HIS B 209 6.98 -7.13 -12.29
CA HIS B 209 5.71 -6.62 -12.68
C HIS B 209 5.02 -7.86 -13.19
N LYS B 210 4.39 -8.60 -12.33
CA LYS B 210 3.78 -9.85 -12.71
C LYS B 210 2.74 -9.74 -13.82
N PRO B 211 1.82 -8.77 -14.00
CA PRO B 211 0.96 -8.70 -15.18
C PRO B 211 1.61 -8.75 -16.56
N SER B 212 2.87 -8.36 -16.75
CA SER B 212 3.55 -8.41 -18.06
C SER B 212 4.66 -9.48 -18.13
N ASN B 213 4.79 -10.24 -17.01
CA ASN B 213 5.85 -11.21 -16.77
C ASN B 213 7.25 -10.60 -16.94
N THR B 214 7.47 -9.39 -16.41
CA THR B 214 8.73 -8.67 -16.53
C THR B 214 9.50 -8.86 -15.23
N LYS B 215 10.73 -9.38 -15.27
CA LYS B 215 11.60 -9.40 -14.12
C LYS B 215 12.88 -8.65 -14.51
N VAL B 216 13.33 -7.73 -13.67
CA VAL B 216 14.49 -6.90 -13.96
C VAL B 216 15.23 -6.76 -12.65
N ASP B 217 16.55 -6.93 -12.73
CA ASP B 217 17.45 -6.74 -11.60
C ASP B 217 18.45 -5.70 -12.08
N LYS B 218 18.53 -4.55 -11.42
CA LYS B 218 19.39 -3.47 -11.86
C LYS B 218 20.43 -3.08 -10.81
N LYS B 219 21.72 -2.98 -11.20
CA LYS B 219 22.77 -2.53 -10.30
C LYS B 219 22.82 -1.02 -10.22
N VAL B 220 22.64 -0.52 -9.02
CA VAL B 220 22.77 0.89 -8.80
C VAL B 220 24.23 1.05 -8.37
N GLU B 221 24.95 1.67 -9.29
CA GLU B 221 26.34 2.01 -9.13
C GLU B 221 26.38 3.50 -9.00
N PRO B 222 27.32 4.06 -8.23
CA PRO B 222 27.46 5.50 -8.08
C PRO B 222 27.60 6.23 -9.41
N LYS B 223 27.22 7.51 -9.42
CA LYS B 223 27.32 8.34 -10.61
C LYS B 223 28.82 8.57 -10.66
N SER B 224 29.39 7.64 -11.43
CA SER B 224 30.82 7.50 -11.57
C SER B 224 31.36 7.64 -12.96
N CYS B 225 32.64 7.94 -12.77
CA CYS B 225 33.66 8.14 -13.77
C CYS B 225 34.62 6.91 -13.72
#